data_2FJW
#
_entry.id   2FJW
#
_cell.length_a   54.947
_cell.length_b   145.653
_cell.length_c   46.811
_cell.angle_alpha   90
_cell.angle_beta   90
_cell.angle_gamma   90
#
_symmetry.space_group_name_H-M   'P 21 21 2'
#
loop_
_entity.id
_entity.type
_entity.pdbx_description
1 polymer "5'-D(*CP*TP*TP*GP*AP*AP*TP*G)-3'"
2 polymer "5'-D(P*CP*AP*TP*TP*CP*AP*AP*G)-3'"
3 polymer 'Reverse transcriptase'
4 water water
#
loop_
_entity_poly.entity_id
_entity_poly.type
_entity_poly.pdbx_seq_one_letter_code
_entity_poly.pdbx_strand_id
1 'polydeoxyribonucleotide' (DC)(DT)(DT)(DG)(DA)(DA)(DT)(DG) B
2 'polydeoxyribonucleotide' (DC)(DA)(DT)(DT)(DC)(DA)(DA)(DG) G
3 'polypeptide(L)'
;TWLSDFPQAWAETGGMGLAVRQAPLIIPLKATSTPVSIKQYPMSQEARLGIKPHIQRLLDQGILVPCQSPWNTPLLPVKK
PGTNDYRPVQDLREVNKRVEDIHPTVPNPYNLLSGLPPSHQWYTVLDLKDAFFCLRLHPTSQPLFAFEWRDPEMGISGQL
TWTRLPQGFKNSPTLFDEALHRDLADFRIQHPDLILLQYVDDLLLAATSELDCQQGTRALLQTLGNLGYRASAKKAQICQ
KQVKYLGYLLKEGQR
;
A
#
loop_
_chem_comp.id
_chem_comp.type
_chem_comp.name
_chem_comp.formula
DA DNA linking 2'-DEOXYADENOSINE-5'-MONOPHOSPHATE 'C10 H14 N5 O6 P'
DC DNA linking 2'-DEOXYCYTIDINE-5'-MONOPHOSPHATE 'C9 H14 N3 O7 P'
DG DNA linking 2'-DEOXYGUANOSINE-5'-MONOPHOSPHATE 'C10 H14 N5 O7 P'
DT DNA linking THYMIDINE-5'-MONOPHOSPHATE 'C10 H15 N2 O8 P'
#
# COMPACT_ATOMS: atom_id res chain seq x y z
N THR C 1 -17.97 -2.77 -18.92
CA THR C 1 -17.75 -3.87 -17.92
C THR C 1 -16.27 -4.17 -17.77
N TRP C 2 -15.55 -3.32 -17.05
CA TRP C 2 -14.12 -3.51 -16.84
C TRP C 2 -13.84 -4.57 -15.78
N LEU C 3 -14.64 -4.57 -14.72
CA LEU C 3 -14.46 -5.53 -13.64
C LEU C 3 -14.47 -6.96 -14.15
N SER C 4 -15.18 -7.19 -15.25
CA SER C 4 -15.28 -8.52 -15.84
C SER C 4 -14.12 -8.82 -16.79
N ASP C 5 -13.59 -7.80 -17.44
CA ASP C 5 -12.48 -7.96 -18.38
C ASP C 5 -11.12 -8.11 -17.71
N PHE C 6 -11.03 -7.72 -16.45
CA PHE C 6 -9.76 -7.80 -15.73
C PHE C 6 -9.96 -8.23 -14.28
N PRO C 7 -10.31 -9.51 -14.06
CA PRO C 7 -10.54 -10.06 -12.73
C PRO C 7 -9.33 -9.97 -11.82
N GLN C 8 -8.16 -10.23 -12.39
CA GLN C 8 -6.89 -10.23 -11.68
C GLN C 8 -6.43 -8.85 -11.20
N ALA C 9 -6.84 -7.81 -11.90
CA ALA C 9 -6.43 -6.45 -11.56
C ALA C 9 -7.24 -5.74 -10.48
N TRP C 10 -8.42 -6.25 -10.15
CA TRP C 10 -9.25 -5.62 -9.13
C TRP C 10 -9.16 -6.33 -7.78
N ALA C 11 -9.06 -5.53 -6.73
CA ALA C 11 -8.96 -6.07 -5.38
C ALA C 11 -10.20 -6.90 -5.05
N GLU C 12 -11.33 -6.52 -5.64
CA GLU C 12 -12.59 -7.22 -5.41
C GLU C 12 -12.64 -8.62 -6.02
N THR C 13 -11.85 -8.87 -7.06
CA THR C 13 -11.88 -10.17 -7.71
C THR C 13 -10.54 -10.86 -7.91
N GLY C 14 -9.45 -10.17 -7.60
CA GLY C 14 -8.14 -10.78 -7.79
C GLY C 14 -7.48 -11.29 -6.54
N GLY C 15 -8.07 -11.00 -5.38
CA GLY C 15 -7.49 -11.43 -4.12
C GLY C 15 -6.34 -10.53 -3.72
N MET C 16 -5.84 -10.70 -2.50
CA MET C 16 -4.73 -9.89 -2.00
C MET C 16 -3.56 -9.93 -2.98
N GLY C 17 -2.95 -8.78 -3.21
CA GLY C 17 -1.83 -8.71 -4.13
C GLY C 17 -0.50 -9.18 -3.56
N LEU C 18 0.51 -9.20 -4.43
CA LEU C 18 1.87 -9.60 -4.10
C LEU C 18 2.69 -9.23 -5.33
N ALA C 19 3.63 -8.30 -5.17
CA ALA C 19 4.49 -7.84 -6.27
C ALA C 19 5.54 -8.90 -6.55
N VAL C 20 5.19 -9.85 -7.42
CA VAL C 20 6.05 -10.97 -7.77
C VAL C 20 7.40 -10.65 -8.39
N ARG C 21 7.54 -9.48 -9.01
CA ARG C 21 8.81 -9.11 -9.62
C ARG C 21 9.76 -8.42 -8.64
N GLN C 22 9.26 -8.04 -7.47
CA GLN C 22 10.08 -7.36 -6.47
C GLN C 22 10.70 -8.27 -5.42
N ALA C 23 12.03 -8.23 -5.33
CA ALA C 23 12.75 -9.03 -4.34
C ALA C 23 12.33 -8.59 -2.93
N PRO C 24 12.21 -9.54 -1.99
CA PRO C 24 11.83 -9.20 -0.61
C PRO C 24 12.73 -8.07 -0.12
N LEU C 25 12.13 -7.07 0.54
CA LEU C 25 12.88 -5.91 1.02
C LEU C 25 13.72 -6.08 2.29
N ILE C 26 14.96 -5.61 2.23
CA ILE C 26 15.87 -5.66 3.38
C ILE C 26 15.90 -4.24 3.91
N ILE C 27 15.62 -4.08 5.20
CA ILE C 27 15.57 -2.76 5.85
C ILE C 27 16.83 -2.49 6.67
N PRO C 28 17.76 -1.67 6.14
CA PRO C 28 19.00 -1.34 6.85
C PRO C 28 18.81 -0.50 8.11
N LEU C 29 19.47 -0.91 9.19
CA LEU C 29 19.39 -0.17 10.45
C LEU C 29 20.53 0.82 10.53
N LYS C 30 20.37 1.83 11.39
CA LYS C 30 21.42 2.81 11.60
C LYS C 30 22.58 2.02 12.19
N ALA C 31 23.79 2.55 12.05
CA ALA C 31 25.00 1.87 12.50
C ALA C 31 25.07 1.48 13.98
N THR C 32 24.46 2.28 14.84
CA THR C 32 24.51 2.00 16.28
C THR C 32 23.24 1.35 16.84
N SER C 33 22.23 1.15 16.00
CA SER C 33 20.98 0.56 16.47
C SER C 33 21.05 -0.81 17.14
N THR C 34 20.22 -0.97 18.17
CA THR C 34 20.10 -2.18 18.95
C THR C 34 18.60 -2.38 19.12
N PRO C 35 18.12 -3.64 19.18
CA PRO C 35 16.68 -3.87 19.33
C PRO C 35 16.04 -3.19 20.55
N VAL C 36 14.80 -2.75 20.37
CA VAL C 36 14.06 -2.13 21.47
C VAL C 36 12.78 -2.94 21.64
N SER C 37 12.46 -3.29 22.89
CA SER C 37 11.26 -4.06 23.17
C SER C 37 10.36 -3.20 24.07
N ILE C 38 9.33 -2.63 23.48
CA ILE C 38 8.41 -1.78 24.23
C ILE C 38 7.21 -2.56 24.71
N LYS C 39 6.89 -2.40 25.98
CA LYS C 39 5.76 -3.10 26.57
C LYS C 39 4.45 -2.74 25.89
N GLN C 40 3.56 -3.73 25.82
CA GLN C 40 2.25 -3.53 25.21
C GLN C 40 1.30 -3.05 26.32
N TYR C 41 0.70 -1.89 26.14
CA TYR C 41 -0.23 -1.42 27.17
C TYR C 41 -1.41 -2.39 27.13
N PRO C 42 -1.88 -2.83 28.32
CA PRO C 42 -3.00 -3.76 28.38
C PRO C 42 -4.14 -3.29 27.50
N MET C 43 -4.73 -4.22 26.77
CA MET C 43 -5.84 -3.89 25.89
C MET C 43 -7.14 -4.41 26.46
N SER C 44 -8.18 -3.58 26.41
CA SER C 44 -9.49 -3.97 26.91
C SER C 44 -10.04 -5.09 26.04
N GLN C 45 -11.02 -5.83 26.55
CA GLN C 45 -11.61 -6.90 25.75
C GLN C 45 -12.33 -6.30 24.54
N GLU C 46 -12.95 -5.14 24.71
CA GLU C 46 -13.66 -4.50 23.61
C GLU C 46 -12.71 -4.23 22.45
N ALA C 47 -11.58 -3.62 22.74
CA ALA C 47 -10.59 -3.32 21.71
C ALA C 47 -10.07 -4.60 21.08
N ARG C 48 -9.77 -5.58 21.93
CA ARG C 48 -9.26 -6.87 21.47
C ARG C 48 -10.25 -7.59 20.54
N LEU C 49 -11.53 -7.55 20.88
CA LEU C 49 -12.56 -8.17 20.05
C LEU C 49 -12.72 -7.42 18.74
N GLY C 50 -12.53 -6.11 18.79
CA GLY C 50 -12.65 -5.32 17.58
C GLY C 50 -11.51 -5.59 16.61
N ILE C 51 -10.32 -5.84 17.16
CA ILE C 51 -9.11 -6.08 16.38
C ILE C 51 -8.93 -7.52 15.88
N LYS C 52 -9.32 -8.47 16.71
CA LYS C 52 -9.18 -9.89 16.40
C LYS C 52 -9.45 -10.36 14.97
N PRO C 53 -10.62 -10.02 14.39
CA PRO C 53 -10.94 -10.44 13.02
C PRO C 53 -9.91 -9.96 11.99
N HIS C 54 -9.39 -8.75 12.19
CA HIS C 54 -8.40 -8.22 11.26
C HIS C 54 -7.11 -9.03 11.39
N ILE C 55 -6.74 -9.36 12.62
CA ILE C 55 -5.53 -10.13 12.87
C ILE C 55 -5.65 -11.52 12.25
N GLN C 56 -6.80 -12.16 12.43
CA GLN C 56 -7.02 -13.50 11.90
C GLN C 56 -6.97 -13.48 10.37
N ARG C 57 -7.59 -12.49 9.75
CA ARG C 57 -7.59 -12.38 8.30
C ARG C 57 -6.15 -12.24 7.79
N LEU C 58 -5.36 -11.41 8.46
CA LEU C 58 -3.96 -11.20 8.06
C LEU C 58 -3.13 -12.48 8.23
N LEU C 59 -3.43 -13.24 9.28
CA LEU C 59 -2.73 -14.49 9.52
C LEU C 59 -3.13 -15.48 8.43
N ASP C 60 -4.42 -15.53 8.11
CA ASP C 60 -4.90 -16.43 7.07
C ASP C 60 -4.24 -16.08 5.74
N GLN C 61 -4.02 -14.78 5.52
CA GLN C 61 -3.40 -14.29 4.29
C GLN C 61 -1.88 -14.39 4.29
N GLY C 62 -1.31 -14.81 5.41
CA GLY C 62 0.14 -14.93 5.49
C GLY C 62 0.88 -13.61 5.61
N ILE C 63 0.13 -12.54 5.78
CA ILE C 63 0.71 -11.20 5.91
C ILE C 63 1.30 -11.04 7.31
N LEU C 64 0.70 -11.73 8.29
CA LEU C 64 1.18 -11.74 9.66
C LEU C 64 1.57 -13.18 9.94
N VAL C 65 2.66 -13.39 10.66
CA VAL C 65 3.11 -14.74 11.03
C VAL C 65 3.63 -14.71 12.47
N PRO C 66 3.58 -15.84 13.17
CA PRO C 66 4.07 -15.86 14.55
C PRO C 66 5.57 -15.68 14.55
N CYS C 67 6.12 -15.21 15.66
CA CYS C 67 7.56 -15.04 15.75
C CYS C 67 7.97 -14.74 17.17
N GLN C 68 9.27 -14.79 17.39
CA GLN C 68 9.88 -14.50 18.68
C GLN C 68 10.96 -13.52 18.25
N SER C 69 10.90 -12.29 18.77
CA SER C 69 11.86 -11.28 18.35
C SER C 69 12.26 -10.33 19.46
N PRO C 70 13.53 -9.87 19.43
CA PRO C 70 14.04 -8.95 20.45
C PRO C 70 13.42 -7.56 20.27
N TRP C 71 12.71 -7.36 19.15
CA TRP C 71 12.04 -6.10 18.88
C TRP C 71 10.56 -6.24 19.24
N ASN C 72 9.96 -5.17 19.73
CA ASN C 72 8.53 -5.19 20.04
C ASN C 72 8.01 -3.76 20.16
N THR C 73 6.93 -3.48 19.44
CA THR C 73 6.30 -2.17 19.52
C THR C 73 4.83 -2.36 19.85
N PRO C 74 4.22 -1.35 20.49
CA PRO C 74 2.82 -1.37 20.91
C PRO C 74 1.77 -1.28 19.82
N LEU C 75 0.69 -2.01 20.03
CA LEU C 75 -0.46 -2.02 19.13
C LEU C 75 -1.47 -1.11 19.80
N LEU C 76 -2.16 -0.29 19.01
CA LEU C 76 -3.16 0.62 19.56
C LEU C 76 -4.56 0.34 19.04
N PRO C 77 -5.57 0.52 19.89
CA PRO C 77 -6.98 0.30 19.55
C PRO C 77 -7.57 1.61 19.02
N VAL C 78 -7.70 1.72 17.70
CA VAL C 78 -8.23 2.95 17.10
C VAL C 78 -9.63 2.76 16.54
N LYS C 79 -10.57 3.56 17.04
CA LYS C 79 -11.97 3.49 16.59
C LYS C 79 -12.24 4.69 15.68
N LYS C 80 -13.42 4.73 15.07
CA LYS C 80 -13.78 5.82 14.18
C LYS C 80 -15.13 6.45 14.50
N PRO C 81 -16.21 5.65 14.48
CA PRO C 81 -17.55 6.18 14.78
C PRO C 81 -17.61 6.86 16.15
N GLY C 82 -17.78 6.05 17.19
CA GLY C 82 -17.84 6.56 18.54
C GLY C 82 -17.13 5.62 19.50
N THR C 83 -17.27 4.32 19.24
CA THR C 83 -16.65 3.30 20.05
C THR C 83 -16.71 1.95 19.32
N ASN C 84 -17.18 2.00 18.07
CA ASN C 84 -17.31 0.80 17.25
C ASN C 84 -16.30 0.77 16.12
N ASP C 85 -16.23 -0.38 15.45
CA ASP C 85 -15.34 -0.59 14.32
C ASP C 85 -13.89 -0.24 14.64
N TYR C 86 -13.14 -1.25 15.09
CA TYR C 86 -11.73 -1.07 15.42
C TYR C 86 -10.85 -1.54 14.27
N ARG C 87 -9.55 -1.39 14.45
CA ARG C 87 -8.54 -1.79 13.47
C ARG C 87 -7.18 -1.54 14.12
N PRO C 88 -6.24 -2.49 13.96
CA PRO C 88 -4.90 -2.39 14.54
C PRO C 88 -4.05 -1.26 14.00
N VAL C 89 -3.46 -0.48 14.90
CA VAL C 89 -2.57 0.61 14.54
C VAL C 89 -1.32 0.46 15.41
N GLN C 90 -0.20 0.16 14.78
CA GLN C 90 1.04 -0.05 15.49
C GLN C 90 1.87 1.23 15.58
N ASP C 91 2.43 1.49 16.76
CA ASP C 91 3.26 2.66 16.97
C ASP C 91 4.69 2.23 16.70
N LEU C 92 5.15 2.47 15.47
CA LEU C 92 6.51 2.08 15.07
C LEU C 92 7.56 3.19 15.21
N ARG C 93 7.23 4.24 15.95
CA ARG C 93 8.18 5.33 16.09
C ARG C 93 9.55 4.94 16.62
N GLU C 94 9.62 4.06 17.61
CA GLU C 94 10.92 3.66 18.15
C GLU C 94 11.71 2.82 17.13
N VAL C 95 10.99 2.13 16.25
CA VAL C 95 11.64 1.34 15.21
C VAL C 95 12.12 2.32 14.14
N ASN C 96 11.24 3.26 13.76
CA ASN C 96 11.59 4.27 12.75
C ASN C 96 12.87 5.00 13.11
N LYS C 97 13.01 5.36 14.38
CA LYS C 97 14.21 6.07 14.86
C LYS C 97 15.49 5.25 14.69
N ARG C 98 15.37 3.93 14.63
CA ARG C 98 16.56 3.09 14.51
C ARG C 98 16.88 2.58 13.10
N VAL C 99 16.02 2.95 12.14
CA VAL C 99 16.19 2.55 10.75
C VAL C 99 16.92 3.67 9.99
N GLU C 100 17.88 3.29 9.15
CA GLU C 100 18.64 4.27 8.38
C GLU C 100 17.70 5.03 7.44
N ASP C 101 17.85 6.35 7.38
CA ASP C 101 17.01 7.17 6.52
C ASP C 101 17.34 6.98 5.05
N ILE C 102 16.33 7.18 4.20
CA ILE C 102 16.53 7.09 2.76
C ILE C 102 16.04 8.42 2.23
N HIS C 103 16.45 8.79 1.02
CA HIS C 103 16.03 10.05 0.44
C HIS C 103 14.55 10.00 0.06
N PRO C 104 13.76 11.01 0.44
CA PRO C 104 12.33 11.02 0.11
C PRO C 104 12.19 11.35 -1.37
N THR C 105 11.85 10.35 -2.19
CA THR C 105 11.73 10.55 -3.62
C THR C 105 10.30 10.77 -4.13
N VAL C 106 9.32 10.65 -3.25
CA VAL C 106 7.95 10.86 -3.66
C VAL C 106 7.73 12.36 -3.85
N PRO C 107 7.38 12.79 -5.06
CA PRO C 107 7.16 14.22 -5.33
C PRO C 107 5.92 14.75 -4.63
N ASN C 108 5.87 16.04 -4.29
CA ASN C 108 4.66 16.55 -3.66
C ASN C 108 3.62 16.64 -4.76
N PRO C 109 2.34 16.46 -4.41
CA PRO C 109 1.26 16.52 -5.41
C PRO C 109 1.29 17.74 -6.32
N TYR C 110 1.60 18.91 -5.78
CA TYR C 110 1.62 20.11 -6.62
C TYR C 110 2.57 19.93 -7.81
N ASN C 111 3.78 19.49 -7.52
CA ASN C 111 4.78 19.28 -8.56
C ASN C 111 4.42 18.14 -9.52
N LEU C 112 3.87 17.05 -8.98
CA LEU C 112 3.50 15.91 -9.82
C LEU C 112 2.46 16.30 -10.88
N LEU C 113 1.48 17.10 -10.48
CA LEU C 113 0.43 17.53 -11.41
C LEU C 113 0.90 18.45 -12.54
N SER C 114 2.04 19.12 -12.34
CA SER C 114 2.56 20.00 -13.37
C SER C 114 2.97 19.19 -14.60
N GLY C 115 3.10 17.88 -14.42
CA GLY C 115 3.47 17.03 -15.53
C GLY C 115 2.29 16.59 -16.38
N LEU C 116 1.23 17.39 -16.37
CA LEU C 116 0.04 17.09 -17.15
C LEU C 116 -0.25 18.12 -18.23
N PRO C 117 -0.02 17.75 -19.50
CA PRO C 117 -0.26 18.65 -20.63
C PRO C 117 -1.75 18.89 -20.87
N PRO C 118 -2.12 20.12 -21.27
CA PRO C 118 -3.53 20.46 -21.53
C PRO C 118 -4.06 19.59 -22.67
N SER C 119 -3.13 19.06 -23.46
CA SER C 119 -3.45 18.20 -24.59
C SER C 119 -3.99 16.86 -24.14
N HIS C 120 -3.60 16.44 -22.94
CA HIS C 120 -4.04 15.16 -22.41
C HIS C 120 -5.21 15.28 -21.44
N GLN C 121 -6.40 15.07 -21.97
CA GLN C 121 -7.62 15.10 -21.17
C GLN C 121 -7.92 13.65 -20.86
N TRP C 122 -9.18 13.25 -20.94
CA TRP C 122 -9.57 11.88 -20.66
C TRP C 122 -8.69 11.25 -19.59
N TYR C 123 -9.10 11.39 -18.33
CA TYR C 123 -8.34 10.86 -17.22
C TYR C 123 -8.90 9.56 -16.68
N THR C 124 -8.00 8.77 -16.10
CA THR C 124 -8.37 7.51 -15.46
C THR C 124 -7.63 7.52 -14.13
N VAL C 125 -8.37 7.37 -13.05
CA VAL C 125 -7.76 7.35 -11.73
C VAL C 125 -7.99 6.01 -11.07
N LEU C 126 -6.90 5.44 -10.56
CA LEU C 126 -6.96 4.15 -9.88
C LEU C 126 -6.19 4.28 -8.57
N ASP C 127 -6.67 3.59 -7.54
CA ASP C 127 -5.94 3.59 -6.29
C ASP C 127 -5.71 2.11 -6.00
N LEU C 128 -4.47 1.79 -5.65
CA LEU C 128 -4.10 0.41 -5.37
C LEU C 128 -4.45 0.07 -3.93
N LYS C 129 -5.16 -1.05 -3.75
CA LYS C 129 -5.59 -1.48 -2.43
C LYS C 129 -4.50 -2.26 -1.71
N ASP C 130 -4.35 -1.99 -0.42
CA ASP C 130 -3.35 -2.66 0.38
C ASP C 130 -2.02 -2.69 -0.35
N ALA C 131 -1.65 -1.52 -0.87
CA ALA C 131 -0.40 -1.35 -1.63
C ALA C 131 0.84 -1.86 -0.91
N PHE C 132 1.12 -1.34 0.28
CA PHE C 132 2.33 -1.76 1.01
C PHE C 132 2.40 -3.27 1.20
N PHE C 133 1.25 -3.88 1.52
CA PHE C 133 1.21 -5.32 1.75
C PHE C 133 1.61 -6.14 0.52
N CYS C 134 1.62 -5.50 -0.65
CA CYS C 134 2.02 -6.20 -1.86
C CYS C 134 3.52 -6.41 -1.93
N LEU C 135 4.28 -5.63 -1.17
CA LEU C 135 5.73 -5.75 -1.16
C LEU C 135 6.20 -6.65 -0.03
N ARG C 136 6.86 -7.75 -0.36
CA ARG C 136 7.37 -8.68 0.64
C ARG C 136 8.56 -8.09 1.38
N LEU C 137 8.72 -8.52 2.62
CA LEU C 137 9.83 -8.11 3.48
C LEU C 137 10.77 -9.32 3.56
N HIS C 138 12.07 -9.08 3.43
CA HIS C 138 13.03 -10.17 3.53
C HIS C 138 12.93 -10.74 4.95
N PRO C 139 13.04 -12.07 5.08
CA PRO C 139 12.95 -12.70 6.40
C PRO C 139 13.85 -12.07 7.46
N THR C 140 15.00 -11.55 7.03
CA THR C 140 15.94 -10.94 7.96
C THR C 140 15.42 -9.63 8.56
N SER C 141 14.53 -8.96 7.84
CA SER C 141 13.97 -7.69 8.31
C SER C 141 12.61 -7.85 8.99
N GLN C 142 11.97 -9.01 8.84
CA GLN C 142 10.67 -9.21 9.46
C GLN C 142 10.60 -9.07 10.99
N PRO C 143 11.59 -9.58 11.73
CA PRO C 143 11.55 -9.47 13.21
C PRO C 143 11.47 -8.03 13.74
N LEU C 144 11.95 -7.09 12.94
CA LEU C 144 11.97 -5.69 13.31
C LEU C 144 10.60 -5.11 13.67
N PHE C 145 9.57 -5.58 12.98
CA PHE C 145 8.22 -5.06 13.15
C PHE C 145 7.26 -5.86 14.04
N ALA C 146 7.80 -6.70 14.90
CA ALA C 146 6.97 -7.54 15.76
C ALA C 146 6.18 -6.78 16.82
N PHE C 147 5.06 -7.38 17.23
CA PHE C 147 4.22 -6.82 18.28
C PHE C 147 3.58 -8.00 18.98
N GLU C 148 3.05 -7.75 20.17
CA GLU C 148 2.43 -8.81 20.96
C GLU C 148 0.95 -9.00 20.64
N TRP C 149 0.51 -10.24 20.66
CA TRP C 149 -0.90 -10.52 20.43
C TRP C 149 -1.39 -11.57 21.40
N ARG C 150 -2.43 -11.22 22.15
CA ARG C 150 -3.04 -12.12 23.13
C ARG C 150 -4.51 -12.30 22.78
N ASP C 151 -4.95 -13.55 22.65
CA ASP C 151 -6.34 -13.81 22.33
C ASP C 151 -7.09 -14.09 23.64
N PRO C 152 -8.33 -13.57 23.76
CA PRO C 152 -9.15 -13.77 24.97
C PRO C 152 -8.76 -15.01 25.76
N GLU C 153 -9.27 -16.18 25.36
CA GLU C 153 -8.95 -17.41 26.05
C GLU C 153 -7.74 -18.06 25.38
N MET C 154 -7.97 -18.82 24.31
CA MET C 154 -6.90 -19.48 23.58
C MET C 154 -6.12 -18.44 22.77
N GLY C 155 -4.94 -18.08 23.25
CA GLY C 155 -4.13 -17.10 22.55
C GLY C 155 -2.89 -17.67 21.89
N ILE C 156 -2.59 -17.21 20.68
CA ILE C 156 -1.42 -17.66 19.92
C ILE C 156 -0.14 -17.50 20.74
N SER C 157 0.98 -17.93 20.18
CA SER C 157 2.29 -17.84 20.83
C SER C 157 2.44 -16.63 21.75
N GLY C 158 2.88 -15.51 21.19
CA GLY C 158 3.06 -14.30 21.95
C GLY C 158 3.17 -13.12 21.01
N GLN C 159 4.19 -13.16 20.16
CA GLN C 159 4.43 -12.10 19.18
C GLN C 159 4.06 -12.51 17.76
N LEU C 160 3.73 -11.51 16.95
CA LEU C 160 3.42 -11.72 15.56
C LEU C 160 4.22 -10.65 14.83
N THR C 161 4.55 -10.89 13.56
CA THR C 161 5.23 -9.85 12.79
C THR C 161 4.76 -9.87 11.36
N TRP C 162 5.12 -8.83 10.61
CA TRP C 162 4.71 -8.67 9.23
C TRP C 162 5.68 -9.32 8.25
N THR C 163 5.14 -9.87 7.16
CA THR C 163 5.97 -10.49 6.12
C THR C 163 5.93 -9.56 4.90
N ARG C 164 5.21 -8.45 5.05
CA ARG C 164 5.07 -7.45 3.99
C ARG C 164 5.39 -6.07 4.57
N LEU C 165 5.65 -5.11 3.69
CA LEU C 165 5.93 -3.73 4.08
C LEU C 165 4.75 -3.25 4.95
N PRO C 166 5.03 -2.83 6.19
CA PRO C 166 3.93 -2.38 7.05
C PRO C 166 3.52 -0.93 7.10
N GLN C 167 2.31 -0.72 7.58
CA GLN C 167 1.75 0.61 7.78
C GLN C 167 2.49 1.18 8.98
N GLY C 168 2.70 2.50 9.02
CA GLY C 168 3.38 3.08 10.17
C GLY C 168 4.90 3.11 10.12
N PHE C 169 5.48 2.46 9.11
CA PHE C 169 6.94 2.45 8.93
C PHE C 169 7.28 3.68 8.09
N LYS C 170 8.22 4.49 8.58
CA LYS C 170 8.57 5.73 7.91
C LYS C 170 8.95 5.65 6.45
N ASN C 171 9.55 4.53 6.02
CA ASN C 171 9.96 4.43 4.63
C ASN C 171 9.02 3.68 3.70
N SER C 172 7.87 3.24 4.20
CA SER C 172 6.95 2.50 3.34
C SER C 172 6.49 3.28 2.08
N PRO C 173 6.03 4.52 2.25
CA PRO C 173 5.58 5.30 1.08
C PRO C 173 6.64 5.38 -0.02
N THR C 174 7.84 5.76 0.37
CA THR C 174 8.94 5.88 -0.57
C THR C 174 9.35 4.57 -1.23
N LEU C 175 9.48 3.51 -0.43
CA LEU C 175 9.87 2.22 -0.99
C LEU C 175 8.81 1.70 -1.93
N PHE C 176 7.54 1.91 -1.59
CA PHE C 176 6.48 1.45 -2.48
C PHE C 176 6.52 2.26 -3.79
N ASP C 177 6.61 3.58 -3.68
CA ASP C 177 6.64 4.44 -4.87
C ASP C 177 7.76 4.02 -5.82
N GLU C 178 8.95 3.80 -5.25
CA GLU C 178 10.09 3.41 -6.06
C GLU C 178 9.89 2.02 -6.68
N ALA C 179 9.32 1.08 -5.91
CA ALA C 179 9.10 -0.26 -6.43
C ALA C 179 8.12 -0.26 -7.59
N LEU C 180 7.02 0.50 -7.46
CA LEU C 180 6.03 0.54 -8.53
C LEU C 180 6.63 1.21 -9.76
N HIS C 181 7.48 2.22 -9.55
CA HIS C 181 8.11 2.90 -10.67
C HIS C 181 8.93 1.88 -11.46
N ARG C 182 9.65 1.01 -10.76
CA ARG C 182 10.45 -0.01 -11.45
C ARG C 182 9.53 -0.96 -12.22
N ASP C 183 8.45 -1.40 -11.58
CA ASP C 183 7.52 -2.32 -12.24
C ASP C 183 6.75 -1.72 -13.41
N LEU C 184 6.56 -0.41 -13.42
CA LEU C 184 5.81 0.23 -14.51
C LEU C 184 6.69 0.93 -15.54
N ALA C 185 8.00 0.76 -15.43
CA ALA C 185 8.92 1.39 -16.37
C ALA C 185 8.64 0.92 -17.81
N ASP C 186 8.45 -0.38 -17.99
CA ASP C 186 8.19 -0.92 -19.32
C ASP C 186 6.87 -0.42 -19.91
N PHE C 187 5.85 -0.31 -19.06
CA PHE C 187 4.54 0.17 -19.51
C PHE C 187 4.68 1.58 -20.06
N ARG C 188 5.47 2.40 -19.39
CA ARG C 188 5.69 3.78 -19.85
C ARG C 188 6.33 3.77 -21.24
N ILE C 189 7.29 2.86 -21.42
CA ILE C 189 7.99 2.73 -22.68
C ILE C 189 7.11 2.20 -23.82
N GLN C 190 6.18 1.32 -23.50
CA GLN C 190 5.28 0.76 -24.51
C GLN C 190 4.10 1.68 -24.83
N HIS C 191 3.94 2.73 -24.03
CA HIS C 191 2.85 3.67 -24.21
C HIS C 191 3.40 5.08 -24.13
N PRO C 192 4.28 5.45 -25.08
CA PRO C 192 4.97 6.73 -25.23
C PRO C 192 4.10 7.98 -25.13
N ASP C 193 2.88 7.89 -25.67
CA ASP C 193 1.97 9.02 -25.68
C ASP C 193 1.14 9.21 -24.41
N LEU C 194 0.85 8.11 -23.71
CA LEU C 194 0.08 8.19 -22.48
C LEU C 194 0.86 8.90 -21.37
N ILE C 195 0.12 9.55 -20.47
CA ILE C 195 0.73 10.25 -19.35
C ILE C 195 0.37 9.44 -18.11
N LEU C 196 1.38 9.09 -17.30
CA LEU C 196 1.14 8.32 -16.09
C LEU C 196 1.76 8.99 -14.88
N LEU C 197 0.91 9.41 -13.94
CA LEU C 197 1.39 10.04 -12.72
C LEU C 197 1.26 9.05 -11.58
N GLN C 198 2.30 8.95 -10.77
CA GLN C 198 2.30 8.04 -9.62
C GLN C 198 2.55 8.77 -8.32
N TYR C 199 1.66 8.57 -7.36
CA TYR C 199 1.83 9.15 -6.04
C TYR C 199 1.56 7.97 -5.11
N VAL C 200 2.62 7.22 -4.82
CA VAL C 200 2.54 6.02 -4.00
C VAL C 200 1.48 5.09 -4.57
N ASP C 201 0.33 4.96 -3.91
CA ASP C 201 -0.72 4.08 -4.41
C ASP C 201 -1.84 4.76 -5.22
N ASP C 202 -1.67 6.05 -5.51
CA ASP C 202 -2.67 6.80 -6.28
C ASP C 202 -2.15 7.07 -7.69
N LEU C 203 -2.80 6.46 -8.67
CA LEU C 203 -2.39 6.59 -10.07
C LEU C 203 -3.35 7.39 -10.94
N LEU C 204 -2.76 8.18 -11.84
CA LEU C 204 -3.54 8.98 -12.78
C LEU C 204 -3.00 8.72 -14.18
N LEU C 205 -3.86 8.18 -15.05
CA LEU C 205 -3.48 7.90 -16.42
C LEU C 205 -4.20 8.94 -17.28
N ALA C 206 -3.45 9.65 -18.11
CA ALA C 206 -4.04 10.68 -18.98
C ALA C 206 -3.78 10.37 -20.43
N ALA C 207 -4.80 10.56 -21.26
CA ALA C 207 -4.70 10.29 -22.69
C ALA C 207 -5.25 11.46 -23.51
N THR C 208 -4.98 11.42 -24.81
CA THR C 208 -5.44 12.47 -25.71
C THR C 208 -6.91 12.31 -26.09
N SER C 209 -7.33 11.06 -26.33
CA SER C 209 -8.71 10.79 -26.70
C SER C 209 -9.36 9.80 -25.73
N GLU C 210 -10.64 9.53 -25.94
CA GLU C 210 -11.38 8.60 -25.10
C GLU C 210 -10.99 7.18 -25.48
N LEU C 211 -10.61 7.00 -26.74
CA LEU C 211 -10.19 5.71 -27.25
C LEU C 211 -8.85 5.30 -26.66
N ASP C 212 -7.86 6.18 -26.75
CA ASP C 212 -6.53 5.90 -26.22
C ASP C 212 -6.61 5.66 -24.71
N CYS C 213 -7.50 6.37 -24.05
CA CYS C 213 -7.66 6.23 -22.61
C CYS C 213 -8.22 4.85 -22.28
N GLN C 214 -9.21 4.40 -23.05
CA GLN C 214 -9.81 3.09 -22.81
C GLN C 214 -8.79 2.01 -23.14
N GLN C 215 -8.00 2.23 -24.19
CA GLN C 215 -6.98 1.28 -24.58
C GLN C 215 -5.92 1.26 -23.48
N GLY C 216 -5.44 2.44 -23.13
CA GLY C 216 -4.43 2.56 -22.10
C GLY C 216 -4.86 1.96 -20.78
N THR C 217 -6.08 2.28 -20.36
CA THR C 217 -6.61 1.76 -19.10
C THR C 217 -6.62 0.24 -19.11
N ARG C 218 -7.07 -0.35 -20.22
CA ARG C 218 -7.10 -1.80 -20.35
C ARG C 218 -5.69 -2.36 -20.18
N ALA C 219 -4.72 -1.69 -20.80
CA ALA C 219 -3.32 -2.13 -20.72
C ALA C 219 -2.74 -1.96 -19.32
N LEU C 220 -3.02 -0.84 -18.67
CA LEU C 220 -2.51 -0.59 -17.33
C LEU C 220 -3.08 -1.59 -16.34
N LEU C 221 -4.39 -1.84 -16.44
CA LEU C 221 -5.05 -2.80 -15.56
C LEU C 221 -4.46 -4.18 -15.77
N GLN C 222 -4.27 -4.57 -17.02
CA GLN C 222 -3.71 -5.88 -17.32
C GLN C 222 -2.30 -6.01 -16.71
N THR C 223 -1.50 -4.97 -16.91
CA THR C 223 -0.14 -4.96 -16.40
C THR C 223 -0.11 -4.99 -14.87
N LEU C 224 -0.89 -4.13 -14.23
CA LEU C 224 -0.96 -4.09 -12.77
C LEU C 224 -1.35 -5.46 -12.22
N GLY C 225 -2.43 -6.02 -12.75
CA GLY C 225 -2.87 -7.32 -12.29
C GLY C 225 -1.78 -8.36 -12.45
N ASN C 226 -1.11 -8.32 -13.59
CA ASN C 226 -0.04 -9.24 -13.92
C ASN C 226 1.14 -9.16 -12.94
N LEU C 227 1.50 -7.94 -12.57
CA LEU C 227 2.62 -7.71 -11.65
C LEU C 227 2.28 -8.08 -10.21
N GLY C 228 0.99 -8.18 -9.92
CA GLY C 228 0.57 -8.54 -8.56
C GLY C 228 -0.05 -7.43 -7.74
N TYR C 229 -0.35 -6.30 -8.36
CA TYR C 229 -0.96 -5.18 -7.66
C TYR C 229 -2.47 -5.28 -7.88
N ARG C 230 -3.23 -4.61 -7.03
CA ARG C 230 -4.68 -4.65 -7.12
C ARG C 230 -5.30 -3.26 -6.96
N ALA C 231 -6.13 -2.88 -7.93
CA ALA C 231 -6.80 -1.59 -7.89
C ALA C 231 -8.21 -1.75 -7.32
N SER C 232 -8.77 -0.64 -6.82
CA SER C 232 -10.11 -0.66 -6.25
C SER C 232 -11.16 -0.40 -7.32
N ALA C 233 -11.97 -1.41 -7.62
CA ALA C 233 -13.02 -1.26 -8.62
C ALA C 233 -14.06 -0.28 -8.11
N LYS C 234 -14.27 -0.29 -6.79
CA LYS C 234 -15.24 0.59 -6.15
C LYS C 234 -14.95 2.08 -6.38
N LYS C 235 -13.70 2.47 -6.17
CA LYS C 235 -13.32 3.87 -6.32
C LYS C 235 -12.80 4.26 -7.70
N ALA C 236 -12.58 3.26 -8.55
CA ALA C 236 -12.05 3.49 -9.89
C ALA C 236 -12.83 4.51 -10.71
N GLN C 237 -12.11 5.47 -11.28
CA GLN C 237 -12.69 6.49 -12.14
C GLN C 237 -12.09 6.22 -13.51
N ILE C 238 -12.88 5.58 -14.37
CA ILE C 238 -12.41 5.21 -15.70
C ILE C 238 -12.82 6.14 -16.84
N CYS C 239 -11.83 6.51 -17.65
CA CYS C 239 -12.02 7.38 -18.81
C CYS C 239 -13.07 8.44 -18.60
N GLN C 240 -12.80 9.36 -17.68
CA GLN C 240 -13.73 10.44 -17.39
C GLN C 240 -13.08 11.74 -17.83
N LYS C 241 -13.91 12.69 -18.27
CA LYS C 241 -13.40 13.99 -18.70
C LYS C 241 -13.14 14.79 -17.44
N GLN C 242 -13.58 14.23 -16.31
CA GLN C 242 -13.43 14.88 -15.03
C GLN C 242 -13.22 13.83 -13.94
N VAL C 243 -12.20 14.03 -13.11
CA VAL C 243 -11.90 13.09 -12.02
C VAL C 243 -11.33 13.77 -10.78
N LYS C 244 -11.40 13.05 -9.66
CA LYS C 244 -10.84 13.54 -8.42
C LYS C 244 -9.50 12.85 -8.24
N TYR C 245 -8.43 13.63 -8.05
CA TYR C 245 -7.10 13.06 -7.87
C TYR C 245 -6.26 13.87 -6.90
N LEU C 246 -5.85 13.22 -5.81
CA LEU C 246 -5.02 13.84 -4.79
C LEU C 246 -5.61 15.12 -4.21
N GLY C 247 -6.92 15.11 -3.98
CA GLY C 247 -7.57 16.28 -3.41
C GLY C 247 -7.95 17.35 -4.41
N TYR C 248 -7.60 17.14 -5.68
CA TYR C 248 -7.92 18.10 -6.73
C TYR C 248 -9.05 17.58 -7.61
N LEU C 249 -9.74 18.49 -8.26
CA LEU C 249 -10.78 18.11 -9.21
C LEU C 249 -10.20 18.50 -10.56
N LEU C 250 -9.80 17.49 -11.33
CA LEU C 250 -9.23 17.74 -12.65
C LEU C 250 -10.37 17.93 -13.63
N LYS C 251 -10.42 19.10 -14.25
CA LYS C 251 -11.48 19.41 -15.19
C LYS C 251 -11.09 20.48 -16.20
N GLU C 252 -11.50 20.28 -17.45
CA GLU C 252 -11.23 21.22 -18.53
C GLU C 252 -9.75 21.55 -18.71
N GLY C 253 -9.19 21.09 -19.84
CA GLY C 253 -7.80 21.33 -20.17
C GLY C 253 -6.90 21.88 -19.08
N GLN C 254 -6.72 21.10 -18.03
CA GLN C 254 -5.85 21.50 -16.91
C GLN C 254 -5.76 20.37 -15.90
N ARG C 255 -4.57 20.18 -15.34
CA ARG C 255 -4.35 19.13 -14.35
C ARG C 255 -4.53 17.74 -14.97
#